data_8Q2U
#
_entry.id   8Q2U
#
_cell.length_a   40.000
_cell.length_b   103.730
_cell.length_c   42.100
_cell.angle_alpha   90.000
_cell.angle_beta   104.860
_cell.angle_gamma   90.000
#
_symmetry.space_group_name_H-M   'P 1 21 1'
#
loop_
_entity.id
_entity.type
_entity.pdbx_description
1 polymer 'YTH domain-containing protein 1'
2 non-polymer 2-chloranyl-~{N}-methyl-9-(pyridin-4-ylmethyl)purin-6-amine
3 non-polymer 'SULFATE ION'
4 water water
#
_entity_poly.entity_id   1
_entity_poly.type   'polypeptide(L)'
_entity_poly.pdbx_seq_one_letter_code
;GTSKLKYVLQDARFFLIKSNNHENVSLAKAKGVWSTLPVNEKKLNLAFRSARSVILIFSVRESGKFQGFARLSSESHHGG
SPIHWVLPAGMSAKMLGGVFKIDWICRRELPFTKSAHLTNPWNEHKPVKIGRDGQEIELECGTQLCLLFPPDESIDLYQV
IHKMRH
;
_entity_poly.pdbx_strand_id   A,B
#
loop_
_chem_comp.id
_chem_comp.type
_chem_comp.name
_chem_comp.formula
IUH non-polymer 2-chloranyl-~{N}-methyl-9-(pyridin-4-ylmethyl)purin-6-amine 'C12 H11 Cl N6'
SO4 non-polymer 'SULFATE ION' 'O4 S -2'
#
# COMPACT_ATOMS: atom_id res chain seq x y z
N GLY A 1 -5.05 -4.33 2.03
CA GLY A 1 -5.85 -4.12 0.82
C GLY A 1 -5.01 -4.13 -0.43
N THR A 2 -5.66 -3.98 -1.58
CA THR A 2 -4.96 -4.00 -2.86
C THR A 2 -5.08 -2.71 -3.65
N SER A 3 -5.69 -1.66 -3.09
CA SER A 3 -5.94 -0.46 -3.89
C SER A 3 -4.64 0.27 -4.21
N LYS A 4 -3.76 0.44 -3.22
CA LYS A 4 -2.49 1.10 -3.50
C LYS A 4 -1.66 0.29 -4.49
N LEU A 5 -1.68 -1.04 -4.36
CA LEU A 5 -0.97 -1.89 -5.31
C LEU A 5 -1.49 -1.66 -6.73
N LYS A 6 -2.82 -1.67 -6.90
CA LYS A 6 -3.37 -1.44 -8.23
C LYS A 6 -2.98 -0.07 -8.76
N TYR A 7 -2.90 0.93 -7.89
CA TYR A 7 -2.47 2.26 -8.31
C TYR A 7 -1.03 2.24 -8.83
N VAL A 8 -0.15 1.53 -8.14
CA VAL A 8 1.24 1.47 -8.57
C VAL A 8 1.37 0.76 -9.91
N LEU A 9 0.55 -0.27 -10.14
CA LEU A 9 0.58 -1.04 -11.39
C LEU A 9 -0.14 -0.35 -12.54
N GLN A 10 -0.80 0.77 -12.28
CA GLN A 10 -1.55 1.48 -13.32
C GLN A 10 -0.61 1.96 -14.42
N ASP A 11 -0.90 1.58 -15.66
CA ASP A 11 -0.11 1.95 -16.83
C ASP A 11 1.36 1.55 -16.69
N ALA A 12 1.64 0.52 -15.91
CA ALA A 12 3.02 0.11 -15.71
C ALA A 12 3.50 -0.72 -16.90
N ARG A 13 4.82 -0.83 -17.02
CA ARG A 13 5.44 -1.85 -17.86
C ARG A 13 6.05 -2.93 -17.00
N PHE A 14 6.05 -4.15 -17.52
CA PHE A 14 6.47 -5.33 -16.78
C PHE A 14 7.54 -6.08 -17.54
N PHE A 15 8.56 -6.56 -16.85
CA PHE A 15 9.64 -7.33 -17.45
C PHE A 15 9.94 -8.54 -16.59
N LEU A 16 10.06 -9.70 -17.21
CA LEU A 16 10.48 -10.91 -16.53
C LEU A 16 12.00 -10.86 -16.32
N ILE A 17 12.44 -11.11 -15.09
CA ILE A 17 13.86 -11.21 -14.78
C ILE A 17 14.13 -12.66 -14.42
N LYS A 18 15.06 -13.30 -15.11
CA LYS A 18 15.42 -14.70 -14.85
C LYS A 18 16.82 -14.74 -14.24
N SER A 19 16.89 -15.04 -12.94
CA SER A 19 18.18 -15.13 -12.27
C SER A 19 18.66 -16.57 -12.26
N ASN A 20 19.97 -16.74 -12.39
CA ASN A 20 20.53 -18.07 -12.43
C ASN A 20 20.67 -18.69 -11.04
N ASN A 21 20.64 -17.89 -9.98
CA ASN A 21 20.83 -18.37 -8.62
C ASN A 21 19.94 -17.61 -7.67
N HIS A 22 19.66 -18.23 -6.52
CA HIS A 22 18.89 -17.58 -5.47
C HIS A 22 19.69 -16.49 -4.77
N GLU A 23 21.03 -16.64 -4.69
CA GLU A 23 21.83 -15.71 -3.89
C GLU A 23 21.68 -14.28 -4.40
N ASN A 24 21.65 -14.11 -5.72
CA ASN A 24 21.55 -12.77 -6.27
C ASN A 24 20.17 -12.16 -6.02
N VAL A 25 19.11 -12.98 -6.04
CA VAL A 25 17.80 -12.45 -5.70
C VAL A 25 17.72 -12.09 -4.23
N SER A 26 18.33 -12.91 -3.36
CA SER A 26 18.38 -12.58 -1.95
C SER A 26 19.14 -11.28 -1.73
N LEU A 27 20.28 -11.14 -2.42
CA LEU A 27 21.06 -9.92 -2.30
C LEU A 27 20.27 -8.72 -2.83
N ALA A 28 19.51 -8.92 -3.92
CA ALA A 28 18.68 -7.84 -4.43
C ALA A 28 17.59 -7.45 -3.44
N LYS A 29 17.01 -8.43 -2.75
CA LYS A 29 15.99 -8.15 -1.75
C LYS A 29 16.59 -7.41 -0.54
N ALA A 30 17.84 -7.73 -0.20
CA ALA A 30 18.48 -7.11 0.95
C ALA A 30 18.96 -5.70 0.64
N LYS A 31 19.46 -5.47 -0.58
CA LYS A 31 20.12 -4.23 -0.93
C LYS A 31 19.28 -3.30 -1.80
N GLY A 32 18.18 -3.77 -2.36
CA GLY A 32 17.36 -2.89 -3.19
C GLY A 32 18.01 -2.55 -4.52
N VAL A 33 18.71 -3.51 -5.13
CA VAL A 33 19.49 -3.28 -6.34
C VAL A 33 19.32 -4.46 -7.29
N TRP A 34 19.49 -4.19 -8.59
CA TRP A 34 19.55 -5.27 -9.57
C TRP A 34 20.51 -4.87 -10.69
N SER A 35 21.14 -5.88 -11.26
CA SER A 35 22.01 -5.71 -12.43
C SER A 35 21.67 -6.80 -13.44
N THR A 36 21.72 -6.46 -14.72
CA THR A 36 21.38 -7.39 -15.79
C THR A 36 22.42 -7.27 -16.90
N LEU A 37 22.25 -8.09 -17.94
CA LEU A 37 23.13 -8.05 -19.11
C LEU A 37 22.92 -6.78 -19.92
N PRO A 38 23.93 -6.39 -20.72
CA PRO A 38 23.84 -5.09 -21.41
C PRO A 38 22.63 -4.95 -22.32
N VAL A 39 22.22 -6.01 -23.00
CA VAL A 39 21.05 -5.90 -23.87
C VAL A 39 19.80 -5.55 -23.05
N ASN A 40 19.62 -6.19 -21.90
CA ASN A 40 18.45 -5.88 -21.09
C ASN A 40 18.63 -4.58 -20.32
N GLU A 41 19.86 -4.23 -19.95
CA GLU A 41 20.10 -2.95 -19.30
C GLU A 41 19.65 -1.79 -20.17
N LYS A 42 19.94 -1.86 -21.47
CA LYS A 42 19.48 -0.83 -22.40
C LYS A 42 17.96 -0.78 -22.46
N LYS A 43 17.31 -1.95 -22.53
CA LYS A 43 15.84 -1.97 -22.60
C LYS A 43 15.22 -1.36 -21.35
N LEU A 44 15.76 -1.69 -20.16
CA LEU A 44 15.17 -1.20 -18.92
C LEU A 44 15.38 0.30 -18.75
N ASN A 45 16.52 0.83 -19.21
CA ASN A 45 16.74 2.27 -19.15
C ASN A 45 15.77 3.01 -20.05
N LEU A 46 15.53 2.52 -21.27
CA LEU A 46 14.50 3.10 -22.12
C LEU A 46 13.13 3.05 -21.45
N ALA A 47 12.78 1.90 -20.87
CA ALA A 47 11.47 1.75 -20.26
C ALA A 47 11.29 2.66 -19.05
N PHE A 48 12.35 2.87 -18.27
CA PHE A 48 12.25 3.70 -17.07
C PHE A 48 11.82 5.12 -17.42
N ARG A 49 12.32 5.64 -18.55
CA ARG A 49 11.93 6.98 -18.97
C ARG A 49 10.52 7.02 -19.55
N SER A 50 9.99 5.87 -19.97
CA SER A 50 8.80 5.79 -20.80
C SER A 50 7.51 5.57 -20.02
N ALA A 51 7.58 5.17 -18.75
CA ALA A 51 6.40 4.70 -18.05
C ALA A 51 6.43 5.19 -16.61
N ARG A 52 5.25 5.31 -16.02
CA ARG A 52 5.14 5.76 -14.63
C ARG A 52 5.73 4.75 -13.67
N SER A 53 5.66 3.45 -13.99
CA SER A 53 6.25 2.39 -13.19
C SER A 53 6.79 1.32 -14.13
N VAL A 54 8.00 0.85 -13.84
CA VAL A 54 8.58 -0.31 -14.50
C VAL A 54 8.73 -1.39 -13.45
N ILE A 55 8.09 -2.52 -13.68
CA ILE A 55 8.01 -3.60 -12.70
C ILE A 55 8.86 -4.76 -13.17
N LEU A 56 9.76 -5.22 -12.32
CA LEU A 56 10.58 -6.40 -12.56
C LEU A 56 9.95 -7.55 -11.78
N ILE A 57 9.67 -8.65 -12.46
CA ILE A 57 9.08 -9.84 -11.83
C ILE A 57 10.16 -10.92 -11.89
N PHE A 58 10.61 -11.38 -10.73
CA PHE A 58 11.81 -12.21 -10.62
C PHE A 58 11.48 -13.70 -10.60
N SER A 59 12.29 -14.49 -11.28
CA SER A 59 12.19 -15.94 -11.19
C SER A 59 13.58 -16.55 -11.24
N VAL A 60 13.92 -17.34 -10.23
CA VAL A 60 15.18 -18.07 -10.22
C VAL A 60 15.03 -19.31 -11.08
N ARG A 61 15.99 -19.53 -11.98
CA ARG A 61 15.90 -20.69 -12.86
C ARG A 61 15.86 -21.99 -12.07
N GLU A 62 15.01 -22.91 -12.55
CA GLU A 62 14.74 -24.23 -11.98
C GLU A 62 13.95 -24.19 -10.67
N SER A 63 13.62 -23.02 -10.15
CA SER A 63 12.85 -22.97 -8.92
C SER A 63 11.38 -23.31 -9.10
N GLY A 64 10.86 -23.20 -10.33
CA GLY A 64 9.43 -23.38 -10.55
C GLY A 64 8.55 -22.32 -9.91
N LYS A 65 9.12 -21.16 -9.58
CA LYS A 65 8.38 -20.12 -8.88
C LYS A 65 8.88 -18.74 -9.32
N PHE A 66 8.05 -17.74 -9.06
CA PHE A 66 8.53 -16.36 -9.02
C PHE A 66 8.87 -16.02 -7.58
N GLN A 67 9.90 -15.20 -7.37
CA GLN A 67 10.32 -14.85 -6.01
C GLN A 67 9.86 -13.47 -5.54
N GLY A 68 9.15 -12.74 -6.36
CA GLY A 68 8.61 -11.46 -5.97
C GLY A 68 8.68 -10.49 -7.13
N PHE A 69 8.32 -9.23 -6.83
CA PHE A 69 8.41 -8.19 -7.84
C PHE A 69 8.70 -6.83 -7.20
N ALA A 70 9.27 -5.95 -8.01
CA ALA A 70 9.85 -4.70 -7.53
C ALA A 70 9.69 -3.66 -8.62
N ARG A 71 9.76 -2.39 -8.23
CA ARG A 71 9.65 -1.27 -9.16
C ARG A 71 11.00 -0.58 -9.31
N LEU A 72 11.44 -0.35 -10.54
CA LEU A 72 12.65 0.45 -10.75
C LEU A 72 12.48 1.83 -10.15
N SER A 73 13.46 2.26 -9.37
CA SER A 73 13.50 3.63 -8.90
C SER A 73 14.58 4.48 -9.57
N SER A 74 15.40 3.90 -10.44
CA SER A 74 16.46 4.62 -11.14
C SER A 74 16.82 3.90 -12.42
N GLU A 75 17.46 4.62 -13.33
CA GLU A 75 18.22 4.01 -14.42
C GLU A 75 19.49 3.38 -13.85
N SER A 76 20.19 2.61 -14.68
CA SER A 76 21.40 1.94 -14.21
C SER A 76 22.53 2.96 -14.00
N HIS A 77 23.37 2.68 -13.00
CA HIS A 77 24.50 3.55 -12.68
C HIS A 77 25.73 2.72 -12.31
N HIS A 78 26.90 3.27 -12.64
CA HIS A 78 28.18 2.61 -12.37
C HIS A 78 28.97 3.35 -11.30
N ILE A 83 28.84 -5.71 -6.35
CA ILE A 83 27.81 -5.73 -5.31
C ILE A 83 28.02 -6.99 -4.48
N HIS A 84 28.68 -7.97 -5.12
CA HIS A 84 29.04 -9.30 -4.61
C HIS A 84 28.11 -10.35 -5.19
N TRP A 85 27.77 -10.22 -6.47
CA TRP A 85 26.94 -11.21 -7.14
C TRP A 85 27.71 -12.52 -7.35
N VAL A 86 26.99 -13.63 -7.44
CA VAL A 86 27.53 -14.92 -7.85
C VAL A 86 27.28 -15.07 -9.35
N LEU A 87 28.33 -15.28 -10.11
CA LEU A 87 28.03 -15.18 -11.53
C LEU A 87 27.96 -16.56 -12.17
N PRO A 88 27.07 -16.74 -13.15
CA PRO A 88 27.00 -18.02 -13.89
C PRO A 88 28.33 -18.46 -14.47
N ALA A 89 28.42 -19.72 -14.89
CA ALA A 89 29.63 -20.25 -15.48
C ALA A 89 29.97 -19.49 -16.76
N GLY A 90 31.19 -18.99 -16.85
CA GLY A 90 31.58 -18.12 -17.94
C GLY A 90 31.05 -16.72 -17.84
N MET A 91 30.05 -16.48 -17.00
CA MET A 91 29.56 -15.13 -16.78
C MET A 91 30.56 -14.36 -15.92
N SER A 92 31.00 -13.21 -16.40
CA SER A 92 31.97 -12.39 -15.70
C SER A 92 31.27 -11.29 -14.90
N ALA A 93 32.05 -10.33 -14.40
CA ALA A 93 31.52 -9.24 -13.58
C ALA A 93 31.25 -7.97 -14.39
N LYS A 94 32.07 -7.69 -15.40
CA LYS A 94 31.85 -6.50 -16.22
C LYS A 94 30.55 -6.58 -16.99
N MET A 95 30.04 -7.79 -17.25
CA MET A 95 28.76 -7.94 -17.92
C MET A 95 27.58 -7.58 -17.03
N LEU A 96 27.81 -7.29 -15.74
CA LEU A 96 26.77 -7.00 -14.77
C LEU A 96 27.05 -5.69 -14.04
N GLY A 97 27.79 -4.79 -14.68
CA GLY A 97 28.27 -3.60 -14.01
C GLY A 97 27.24 -2.52 -13.77
N GLY A 98 26.19 -2.46 -14.59
CA GLY A 98 25.17 -1.44 -14.39
C GLY A 98 24.24 -1.85 -13.26
N VAL A 99 23.99 -0.92 -12.33
CA VAL A 99 23.21 -1.20 -11.12
C VAL A 99 21.97 -0.31 -11.12
N PHE A 100 20.79 -0.94 -11.06
CA PHE A 100 19.52 -0.24 -10.90
C PHE A 100 19.11 -0.29 -9.44
N LYS A 101 18.55 0.82 -8.95
CA LYS A 101 17.87 0.82 -7.66
C LYS A 101 16.43 0.39 -7.84
N ILE A 102 15.94 -0.44 -6.92
CA ILE A 102 14.60 -0.99 -7.00
C ILE A 102 13.95 -0.92 -5.62
N ASP A 103 12.63 -0.73 -5.60
CA ASP A 103 11.81 -0.81 -4.41
C ASP A 103 10.92 -2.03 -4.52
N TRP A 104 11.04 -2.92 -3.55
CA TRP A 104 10.27 -4.15 -3.59
C TRP A 104 8.81 -3.86 -3.32
N ILE A 105 7.95 -4.51 -4.09
CA ILE A 105 6.52 -4.40 -3.85
C ILE A 105 6.04 -5.68 -3.17
N CYS A 106 6.68 -6.82 -3.48
CA CYS A 106 6.29 -8.09 -2.90
C CYS A 106 7.52 -8.98 -2.86
N ARG A 107 7.90 -9.44 -1.66
CA ARG A 107 9.03 -10.36 -1.52
C ARG A 107 8.59 -11.80 -1.35
N ARG A 108 7.30 -12.09 -1.52
CA ARG A 108 6.72 -13.41 -1.39
C ARG A 108 6.80 -14.16 -2.71
N GLU A 109 6.76 -15.48 -2.61
CA GLU A 109 6.85 -16.39 -3.75
C GLU A 109 5.48 -16.63 -4.35
N LEU A 110 5.48 -16.96 -5.66
CA LEU A 110 4.30 -17.48 -6.35
C LEU A 110 4.71 -18.66 -7.22
N PRO A 111 4.17 -19.87 -6.97
CA PRO A 111 4.53 -21.01 -7.82
C PRO A 111 3.96 -20.84 -9.21
N PHE A 112 4.70 -21.35 -10.20
CA PHE A 112 4.23 -21.31 -11.59
C PHE A 112 2.87 -21.98 -11.76
N THR A 113 2.54 -22.99 -10.94
CA THR A 113 1.24 -23.64 -11.05
C THR A 113 0.09 -22.66 -10.90
N LYS A 114 0.28 -21.56 -10.17
CA LYS A 114 -0.79 -20.59 -9.95
C LYS A 114 -0.95 -19.59 -11.09
N SER A 115 0.01 -19.52 -12.02
CA SER A 115 -0.08 -18.56 -13.12
C SER A 115 -0.35 -19.25 -14.45
N ALA A 116 -0.75 -20.53 -14.41
CA ALA A 116 -0.93 -21.33 -15.62
C ALA A 116 -2.03 -20.80 -16.51
N HIS A 117 -2.92 -19.97 -15.99
CA HIS A 117 -4.01 -19.39 -16.77
C HIS A 117 -3.63 -18.06 -17.44
N LEU A 118 -2.40 -17.59 -17.27
CA LEU A 118 -1.98 -16.30 -17.80
C LEU A 118 -1.00 -16.53 -18.94
N THR A 119 -1.32 -16.01 -20.13
CA THR A 119 -0.42 -16.05 -21.27
C THR A 119 0.01 -14.64 -21.65
N ASN A 120 1.19 -14.55 -22.26
CA ASN A 120 1.84 -13.28 -22.55
C ASN A 120 1.77 -13.03 -24.05
N PRO A 121 0.97 -12.07 -24.51
CA PRO A 121 0.94 -11.76 -25.95
C PRO A 121 2.28 -11.41 -26.56
N TRP A 122 3.22 -10.86 -25.79
CA TRP A 122 4.51 -10.50 -26.34
C TRP A 122 5.48 -11.67 -26.44
N ASN A 123 5.07 -12.85 -25.99
CA ASN A 123 5.83 -14.08 -26.17
C ASN A 123 4.93 -15.17 -26.73
N GLU A 124 4.27 -14.88 -27.85
CA GLU A 124 3.49 -15.86 -28.61
C GLU A 124 2.36 -16.49 -27.78
N HIS A 125 1.89 -15.80 -26.74
CA HIS A 125 0.83 -16.31 -25.87
C HIS A 125 1.24 -17.60 -25.17
N LYS A 126 2.54 -17.77 -24.95
CA LYS A 126 3.00 -18.81 -24.08
C LYS A 126 2.69 -18.44 -22.64
N PRO A 127 2.62 -19.44 -21.75
CA PRO A 127 2.40 -19.14 -20.33
C PRO A 127 3.44 -18.14 -19.84
N VAL A 128 2.99 -17.22 -18.98
CA VAL A 128 3.81 -16.08 -18.60
C VAL A 128 5.10 -16.52 -17.90
N LYS A 129 5.10 -17.69 -17.28
CA LYS A 129 6.32 -18.25 -16.72
C LYS A 129 7.40 -18.48 -17.78
N ILE A 130 7.02 -18.64 -19.04
CA ILE A 130 7.98 -18.91 -20.10
C ILE A 130 8.53 -17.60 -20.64
N GLY A 131 9.84 -17.50 -20.71
CA GLY A 131 10.46 -16.34 -21.32
C GLY A 131 11.90 -16.19 -20.88
N ARG A 132 12.69 -15.50 -21.69
CA ARG A 132 14.07 -15.27 -21.38
C ARG A 132 14.20 -14.06 -20.48
N ASP A 133 15.35 -13.95 -19.82
CA ASP A 133 15.65 -12.77 -19.02
C ASP A 133 15.39 -11.52 -19.84
N GLY A 134 14.59 -10.61 -19.30
CA GLY A 134 14.26 -9.37 -19.95
C GLY A 134 13.00 -9.38 -20.78
N GLN A 135 12.31 -10.50 -20.88
CA GLN A 135 11.11 -10.57 -21.73
C GLN A 135 10.05 -9.61 -21.20
N GLU A 136 9.56 -8.72 -22.06
CA GLU A 136 8.47 -7.86 -21.63
C GLU A 136 7.15 -8.62 -21.52
N ILE A 137 6.37 -8.30 -20.48
CA ILE A 137 5.06 -8.89 -20.28
C ILE A 137 4.02 -7.80 -20.53
N GLU A 138 3.07 -8.08 -21.41
CA GLU A 138 2.02 -7.13 -21.73
C GLU A 138 1.23 -6.72 -20.48
N LEU A 139 0.72 -5.47 -20.50
CA LEU A 139 0.11 -4.81 -19.35
C LEU A 139 -0.91 -5.68 -18.63
N GLU A 140 -1.89 -6.24 -19.35
CA GLU A 140 -2.97 -6.95 -18.67
C GLU A 140 -2.46 -8.23 -18.02
N CYS A 141 -1.66 -8.99 -18.73
CA CYS A 141 -1.07 -10.21 -18.18
C CYS A 141 -0.20 -9.87 -16.97
N GLY A 142 0.66 -8.87 -17.09
CA GLY A 142 1.54 -8.50 -15.99
C GLY A 142 0.79 -8.04 -14.75
N THR A 143 -0.25 -7.24 -14.94
CA THR A 143 -1.10 -6.82 -13.83
C THR A 143 -1.72 -8.01 -13.13
N GLN A 144 -2.33 -8.92 -13.89
CA GLN A 144 -2.97 -10.07 -13.26
C GLN A 144 -1.94 -10.96 -12.57
N LEU A 145 -0.75 -11.10 -13.15
CA LEU A 145 0.29 -11.89 -12.50
C LEU A 145 0.66 -11.29 -11.16
N CYS A 146 0.90 -9.98 -11.12
CA CYS A 146 1.30 -9.36 -9.86
C CYS A 146 0.19 -9.46 -8.82
N LEU A 147 -1.07 -9.38 -9.25
CA LEU A 147 -2.18 -9.52 -8.31
C LEU A 147 -2.33 -10.93 -7.75
N LEU A 148 -1.72 -11.94 -8.38
CA LEU A 148 -1.79 -13.30 -7.86
C LEU A 148 -0.86 -13.55 -6.67
N PHE A 149 0.18 -12.74 -6.51
CA PHE A 149 1.12 -12.98 -5.43
C PHE A 149 0.41 -12.81 -4.09
N PRO A 150 0.82 -13.56 -3.07
CA PRO A 150 0.30 -13.31 -1.74
C PRO A 150 0.63 -11.90 -1.32
N PRO A 151 -0.25 -11.23 -0.58
CA PRO A 151 0.08 -9.88 -0.10
C PRO A 151 1.30 -9.91 0.80
N ASP A 152 2.17 -8.92 0.65
CA ASP A 152 3.34 -8.75 1.50
C ASP A 152 3.05 -7.63 2.48
N GLU A 153 2.64 -8.00 3.70
CA GLU A 153 2.21 -7.01 4.68
C GLU A 153 3.38 -6.29 5.35
N SER A 154 4.62 -6.65 5.05
CA SER A 154 5.79 -5.92 5.54
C SER A 154 6.10 -4.68 4.72
N ILE A 155 5.42 -4.47 3.59
CA ILE A 155 5.74 -3.38 2.68
C ILE A 155 4.63 -2.34 2.74
N ASP A 156 5.03 -1.06 2.78
CA ASP A 156 4.11 0.06 2.75
C ASP A 156 4.33 0.76 1.42
N LEU A 157 3.33 0.70 0.53
CA LEU A 157 3.46 1.29 -0.80
C LEU A 157 3.37 2.82 -0.80
N TYR A 158 3.14 3.44 0.36
CA TYR A 158 3.05 4.89 0.41
C TYR A 158 4.31 5.57 -0.15
N GLN A 159 5.49 5.11 0.27
CA GLN A 159 6.72 5.75 -0.18
C GLN A 159 6.99 5.47 -1.66
N VAL A 160 6.58 4.30 -2.14
CA VAL A 160 6.71 3.97 -3.56
C VAL A 160 5.85 4.91 -4.39
N ILE A 161 4.62 5.18 -3.94
CA ILE A 161 3.75 6.11 -4.64
C ILE A 161 4.36 7.51 -4.69
N HIS A 162 5.07 7.91 -3.63
CA HIS A 162 5.72 9.23 -3.64
C HIS A 162 6.90 9.29 -4.61
N LYS A 163 7.62 8.20 -4.81
CA LYS A 163 8.68 8.21 -5.83
C LYS A 163 8.14 8.59 -7.19
N MET A 164 6.94 8.12 -7.52
CA MET A 164 6.30 8.42 -8.79
C MET A 164 5.95 9.90 -8.87
N GLY B 1 -11.34 30.12 9.12
CA GLY B 1 -11.04 29.63 10.46
C GLY B 1 -10.41 28.26 10.46
N THR B 2 -9.66 27.97 9.39
CA THR B 2 -9.12 26.64 9.15
C THR B 2 -7.63 26.50 9.46
N SER B 3 -6.97 27.54 9.99
CA SER B 3 -5.52 27.49 10.14
C SER B 3 -5.09 26.33 11.00
N LYS B 4 -5.76 26.14 12.14
CA LYS B 4 -5.36 25.08 13.06
C LYS B 4 -5.55 23.72 12.42
N LEU B 5 -6.72 23.49 11.83
CA LEU B 5 -6.99 22.17 11.26
C LEU B 5 -6.05 21.90 10.08
N LYS B 6 -5.80 22.92 9.26
CA LYS B 6 -4.92 22.74 8.12
C LYS B 6 -3.51 22.40 8.57
N TYR B 7 -3.07 22.97 9.69
CA TYR B 7 -1.77 22.63 10.27
C TYR B 7 -1.76 21.15 10.70
N VAL B 8 -2.84 20.69 11.34
CA VAL B 8 -2.90 19.30 11.78
C VAL B 8 -2.85 18.35 10.59
N LEU B 9 -3.45 18.75 9.48
CA LEU B 9 -3.55 17.88 8.31
C LEU B 9 -2.38 17.99 7.34
N GLN B 10 -1.45 18.91 7.55
CA GLN B 10 -0.31 18.98 6.66
C GLN B 10 0.48 17.68 6.76
N ASP B 11 0.75 17.07 5.62
CA ASP B 11 1.55 15.85 5.55
C ASP B 11 0.86 14.64 6.20
N ALA B 12 -0.46 14.67 6.38
CA ALA B 12 -1.15 13.58 7.04
C ALA B 12 -1.41 12.42 6.07
N ARG B 13 -1.58 11.23 6.65
CA ARG B 13 -2.14 10.09 5.92
C ARG B 13 -3.56 9.85 6.43
N PHE B 14 -4.43 9.37 5.54
CA PHE B 14 -5.85 9.28 5.80
C PHE B 14 -6.33 7.86 5.52
N PHE B 15 -7.13 7.31 6.42
CA PHE B 15 -7.69 5.98 6.22
C PHE B 15 -9.18 6.01 6.50
N LEU B 16 -9.95 5.39 5.63
CA LEU B 16 -11.35 5.15 5.85
C LEU B 16 -11.49 4.02 6.85
N ILE B 17 -12.35 4.22 7.83
CA ILE B 17 -12.70 3.20 8.82
C ILE B 17 -14.17 2.90 8.63
N LYS B 18 -14.49 1.64 8.41
CA LYS B 18 -15.89 1.21 8.28
C LYS B 18 -16.24 0.34 9.47
N SER B 19 -17.23 0.75 10.25
CA SER B 19 -17.67 0.00 11.40
C SER B 19 -18.98 -0.70 11.07
N ASN B 20 -19.12 -1.94 11.53
CA ASN B 20 -20.35 -2.67 11.27
C ASN B 20 -21.51 -2.15 12.10
N ASN B 21 -21.25 -1.44 13.20
CA ASN B 21 -22.34 -0.98 14.04
C ASN B 21 -22.07 0.44 14.55
N HIS B 22 -23.13 1.08 15.03
CA HIS B 22 -23.01 2.41 15.62
C HIS B 22 -22.44 2.37 17.02
N GLU B 23 -22.69 1.27 17.76
CA GLU B 23 -22.30 1.21 19.17
C GLU B 23 -20.80 1.40 19.34
N ASN B 24 -19.99 0.74 18.50
CA ASN B 24 -18.55 0.85 18.66
C ASN B 24 -18.04 2.25 18.34
N VAL B 25 -18.69 2.95 17.41
CA VAL B 25 -18.29 4.31 17.12
C VAL B 25 -18.64 5.22 18.31
N SER B 26 -19.83 5.02 18.90
CA SER B 26 -20.20 5.78 20.09
CA SER B 26 -20.20 5.77 20.10
C SER B 26 -19.23 5.52 21.24
N LEU B 27 -18.88 4.26 21.46
CA LEU B 27 -17.88 3.94 22.46
C LEU B 27 -16.57 4.67 22.18
N ALA B 28 -16.09 4.57 20.94
CA ALA B 28 -14.80 5.14 20.54
C ALA B 28 -14.80 6.66 20.66
N LYS B 29 -15.93 7.31 20.32
CA LYS B 29 -16.02 8.77 20.44
C LYS B 29 -15.84 9.24 21.88
N ALA B 30 -16.39 8.49 22.84
CA ALA B 30 -16.36 8.92 24.24
C ALA B 30 -15.03 8.59 24.89
N LYS B 31 -14.45 7.44 24.56
CA LYS B 31 -13.26 6.91 25.22
C LYS B 31 -11.95 7.23 24.50
N GLY B 32 -11.99 7.58 23.22
CA GLY B 32 -10.74 7.90 22.53
C GLY B 32 -9.89 6.70 22.17
N VAL B 33 -10.53 5.63 21.71
CA VAL B 33 -9.85 4.38 21.35
C VAL B 33 -10.47 3.83 20.07
N TRP B 34 -9.65 3.03 19.36
CA TRP B 34 -10.17 2.26 18.24
C TRP B 34 -9.36 0.97 18.11
N SER B 35 -10.03 -0.07 17.61
CA SER B 35 -9.38 -1.33 17.26
C SER B 35 -9.89 -1.74 15.89
N THR B 36 -9.02 -2.42 15.12
CA THR B 36 -9.35 -2.88 13.78
C THR B 36 -8.81 -4.30 13.58
N LEU B 37 -9.09 -4.86 12.41
CA LEU B 37 -8.63 -6.21 12.09
C LEU B 37 -7.12 -6.21 11.83
N PRO B 38 -6.46 -7.37 11.90
CA PRO B 38 -4.98 -7.38 11.91
C PRO B 38 -4.33 -6.78 10.69
N VAL B 39 -4.91 -6.96 9.49
CA VAL B 39 -4.28 -6.40 8.29
C VAL B 39 -4.25 -4.88 8.39
N ASN B 40 -5.37 -4.27 8.81
CA ASN B 40 -5.42 -2.83 8.97
C ASN B 40 -4.63 -2.36 10.18
N GLU B 41 -4.61 -3.15 11.26
CA GLU B 41 -3.78 -2.79 12.40
C GLU B 41 -2.32 -2.60 12.00
N LYS B 42 -1.79 -3.53 11.20
CA LYS B 42 -0.41 -3.40 10.73
C LYS B 42 -0.24 -2.17 9.85
N LYS B 43 -1.20 -1.91 8.95
CA LYS B 43 -1.10 -0.75 8.07
C LYS B 43 -1.07 0.54 8.88
N LEU B 44 -1.88 0.63 9.94
CA LEU B 44 -1.96 1.85 10.72
C LEU B 44 -0.72 2.03 11.59
N ASN B 45 -0.14 0.93 12.09
CA ASN B 45 1.08 1.06 12.86
C ASN B 45 2.22 1.57 12.00
N LEU B 46 2.36 1.05 10.78
CA LEU B 46 3.38 1.54 9.85
C LEU B 46 3.17 3.02 9.55
N ALA B 47 1.92 3.42 9.28
CA ALA B 47 1.63 4.82 8.97
C ALA B 47 1.90 5.72 10.17
N PHE B 48 1.64 5.24 11.38
CA PHE B 48 1.85 6.09 12.56
C PHE B 48 3.31 6.49 12.71
N ARG B 49 4.24 5.58 12.37
CA ARG B 49 5.66 5.86 12.47
C ARG B 49 6.18 6.67 11.29
N SER B 50 5.44 6.73 10.19
CA SER B 50 5.91 7.37 8.96
C SER B 50 5.34 8.75 8.75
N ALA B 51 4.18 9.04 9.33
CA ALA B 51 3.43 10.25 9.02
C ALA B 51 3.38 11.16 10.24
N ARG B 52 3.36 12.47 9.97
CA ARG B 52 3.20 13.44 11.06
C ARG B 52 1.83 13.30 11.72
N SER B 53 0.79 12.97 10.94
CA SER B 53 -0.53 12.68 11.48
C SER B 53 -1.10 11.52 10.69
N VAL B 54 -1.82 10.64 11.39
CA VAL B 54 -2.62 9.60 10.76
C VAL B 54 -4.07 9.83 11.16
N ILE B 55 -4.91 10.07 10.15
CA ILE B 55 -6.29 10.47 10.34
C ILE B 55 -7.17 9.31 9.96
N LEU B 56 -8.09 8.94 10.84
CA LEU B 56 -9.13 7.94 10.62
C LEU B 56 -10.44 8.65 10.37
N ILE B 57 -11.09 8.35 9.25
CA ILE B 57 -12.36 8.96 8.91
C ILE B 57 -13.40 7.84 8.97
N PHE B 58 -14.37 7.99 9.84
CA PHE B 58 -15.29 6.92 10.23
C PHE B 58 -16.59 6.97 9.45
N SER B 59 -17.04 5.80 8.99
CA SER B 59 -18.36 5.64 8.40
C SER B 59 -18.97 4.31 8.82
N VAL B 60 -20.11 4.36 9.48
CA VAL B 60 -20.82 3.16 9.89
C VAL B 60 -21.51 2.57 8.67
N ARG B 61 -21.38 1.25 8.50
CA ARG B 61 -21.93 0.56 7.35
C ARG B 61 -23.43 0.85 7.23
N GLU B 62 -23.87 1.16 6.01
CA GLU B 62 -25.26 1.46 5.66
C GLU B 62 -25.80 2.76 6.24
N SER B 63 -24.98 3.57 6.90
CA SER B 63 -25.55 4.79 7.47
C SER B 63 -25.69 5.93 6.47
N GLY B 64 -25.02 5.86 5.33
CA GLY B 64 -25.02 6.94 4.37
C GLY B 64 -24.30 8.20 4.79
N LYS B 65 -23.45 8.12 5.82
CA LYS B 65 -22.76 9.29 6.34
C LYS B 65 -21.40 8.88 6.87
N PHE B 66 -20.53 9.87 7.02
CA PHE B 66 -19.37 9.78 7.91
C PHE B 66 -19.76 10.28 9.28
N GLN B 67 -19.20 9.65 10.33
CA GLN B 67 -19.57 10.03 11.70
C GLN B 67 -18.54 10.91 12.37
N GLY B 68 -17.41 11.17 11.73
CA GLY B 68 -16.40 12.06 12.25
C GLY B 68 -15.02 11.59 11.85
N PHE B 69 -14.00 12.25 12.41
CA PHE B 69 -12.64 11.84 12.14
C PHE B 69 -11.75 12.13 13.32
N ALA B 70 -10.64 11.41 13.37
CA ALA B 70 -9.77 11.41 14.54
C ALA B 70 -8.33 11.20 14.12
N ARG B 71 -7.41 11.58 14.99
CA ARG B 71 -5.98 11.40 14.76
C ARG B 71 -5.43 10.34 15.70
N LEU B 72 -4.65 9.40 15.17
CA LEU B 72 -3.98 8.45 16.04
C LEU B 72 -3.01 9.19 16.96
N SER B 73 -3.07 8.87 18.24
CA SER B 73 -2.06 9.37 19.18
C SER B 73 -1.10 8.28 19.63
N SER B 74 -1.32 7.04 19.21
CA SER B 74 -0.42 5.94 19.55
C SER B 74 -0.51 4.86 18.50
N GLU B 75 0.53 4.03 18.46
CA GLU B 75 0.48 2.74 17.82
C GLU B 75 -0.46 1.84 18.62
N SER B 76 -0.83 0.70 18.04
CA SER B 76 -1.70 -0.20 18.78
C SER B 76 -0.93 -0.84 19.92
N HIS B 77 -1.64 -1.09 21.02
CA HIS B 77 -1.04 -1.73 22.18
C HIS B 77 -1.95 -2.83 22.68
N HIS B 78 -1.34 -3.96 23.04
CA HIS B 78 -2.06 -5.11 23.56
C HIS B 78 -1.84 -5.19 25.07
N GLY B 79 -2.72 -5.94 25.74
CA GLY B 79 -2.57 -6.19 27.15
C GLY B 79 -3.31 -5.24 28.08
N GLY B 80 -3.81 -4.11 27.57
CA GLY B 80 -4.62 -3.24 28.40
C GLY B 80 -5.92 -3.90 28.80
N SER B 81 -6.63 -3.27 29.75
CA SER B 81 -7.94 -3.77 30.13
C SER B 81 -8.84 -3.81 28.91
N PRO B 82 -9.63 -4.88 28.74
CA PRO B 82 -10.41 -5.04 27.50
C PRO B 82 -11.34 -3.86 27.26
N ILE B 83 -11.22 -3.25 26.09
CA ILE B 83 -12.32 -2.44 25.59
C ILE B 83 -13.42 -3.41 25.24
N HIS B 84 -14.61 -3.18 25.77
CA HIS B 84 -15.70 -4.12 25.57
C HIS B 84 -16.53 -3.74 24.35
N TRP B 85 -15.89 -3.88 23.19
CA TRP B 85 -16.56 -3.66 21.92
C TRP B 85 -17.78 -4.56 21.80
N VAL B 86 -18.81 -4.07 21.11
CA VAL B 86 -19.89 -4.93 20.63
C VAL B 86 -19.37 -5.65 19.40
N LEU B 87 -19.29 -6.97 19.49
CA LEU B 87 -18.55 -7.68 18.45
C LEU B 87 -19.47 -8.11 17.31
N PRO B 88 -19.07 -7.91 16.06
CA PRO B 88 -19.85 -8.46 14.95
C PRO B 88 -19.87 -9.99 15.01
N ALA B 89 -20.88 -10.57 14.36
CA ALA B 89 -21.10 -12.00 14.42
C ALA B 89 -19.87 -12.77 13.96
N GLY B 90 -19.54 -13.83 14.70
CA GLY B 90 -18.39 -14.65 14.40
C GLY B 90 -17.06 -14.13 14.90
N MET B 91 -16.99 -12.86 15.29
CA MET B 91 -15.76 -12.23 15.72
C MET B 91 -15.63 -12.34 17.24
N SER B 92 -14.42 -12.62 17.70
CA SER B 92 -14.09 -12.57 19.11
C SER B 92 -13.12 -11.43 19.36
N ALA B 93 -12.93 -11.13 20.65
CA ALA B 93 -12.11 -9.99 21.05
C ALA B 93 -10.71 -10.06 20.47
N LYS B 94 -10.15 -11.27 20.36
CA LYS B 94 -8.79 -11.42 19.87
C LYS B 94 -8.63 -10.91 18.45
N MET B 95 -9.69 -10.98 17.66
CA MET B 95 -9.63 -10.52 16.27
C MET B 95 -9.43 -9.02 16.20
N LEU B 96 -9.90 -8.29 17.21
CA LEU B 96 -9.76 -6.84 17.30
C LEU B 96 -8.60 -6.51 18.22
N GLY B 97 -7.45 -7.12 17.94
CA GLY B 97 -6.30 -7.14 18.82
C GLY B 97 -5.93 -5.86 19.55
N GLY B 98 -5.05 -5.08 18.97
CA GLY B 98 -4.49 -3.94 19.67
C GLY B 98 -5.47 -2.79 19.79
N VAL B 99 -5.20 -1.92 20.76
CA VAL B 99 -6.01 -0.74 20.96
C VAL B 99 -5.17 0.47 20.61
N PHE B 100 -5.64 1.26 19.65
CA PHE B 100 -5.04 2.54 19.30
C PHE B 100 -5.71 3.62 20.15
N LYS B 101 -4.89 4.53 20.71
CA LYS B 101 -5.46 5.74 21.29
C LYS B 101 -5.66 6.75 20.16
N ILE B 102 -6.81 7.44 20.18
CA ILE B 102 -7.15 8.41 19.14
C ILE B 102 -7.68 9.68 19.81
N ASP B 103 -7.39 10.81 19.18
CA ASP B 103 -7.94 12.11 19.56
C ASP B 103 -8.92 12.54 18.48
N TRP B 104 -10.19 12.70 18.85
CA TRP B 104 -11.20 13.12 17.90
C TRP B 104 -10.98 14.57 17.48
N ILE B 105 -11.16 14.84 16.19
CA ILE B 105 -11.06 16.19 15.66
C ILE B 105 -12.46 16.69 15.35
N CYS B 106 -13.33 15.79 14.92
CA CYS B 106 -14.71 16.16 14.70
C CYS B 106 -15.56 14.92 14.99
N ARG B 107 -16.61 15.09 15.78
CA ARG B 107 -17.51 13.99 16.08
C ARG B 107 -18.88 14.22 15.47
N ARG B 108 -19.00 15.20 14.58
CA ARG B 108 -20.27 15.49 13.92
C ARG B 108 -20.34 14.80 12.56
N GLU B 109 -21.57 14.56 12.12
CA GLU B 109 -21.81 13.77 10.92
C GLU B 109 -21.59 14.60 9.66
N LEU B 110 -21.19 13.91 8.60
CA LEU B 110 -21.13 14.49 7.26
C LEU B 110 -21.84 13.53 6.31
N PRO B 111 -23.00 13.91 5.77
CA PRO B 111 -23.69 12.99 4.85
C PRO B 111 -22.91 12.83 3.55
N PHE B 112 -22.99 11.62 2.97
CA PHE B 112 -22.30 11.35 1.72
C PHE B 112 -22.70 12.34 0.63
N THR B 113 -23.90 12.90 0.73
CA THR B 113 -24.35 13.87 -0.27
C THR B 113 -23.44 15.09 -0.31
N LYS B 114 -22.82 15.43 0.83
CA LYS B 114 -21.98 16.61 0.86
C LYS B 114 -20.55 16.33 0.39
N SER B 115 -20.20 15.07 0.13
CA SER B 115 -18.86 14.72 -0.34
C SER B 115 -18.88 14.15 -1.76
N ALA B 116 -19.99 14.30 -2.47
CA ALA B 116 -20.17 13.62 -3.75
C ALA B 116 -19.22 14.11 -4.82
N HIS B 117 -18.64 15.30 -4.67
CA HIS B 117 -17.71 15.87 -5.63
C HIS B 117 -16.27 15.42 -5.42
N LEU B 118 -15.98 14.65 -4.38
CA LEU B 118 -14.61 14.28 -4.05
C LEU B 118 -14.37 12.82 -4.44
N THR B 119 -13.29 12.58 -5.17
CA THR B 119 -12.91 11.25 -5.60
C THR B 119 -11.51 10.93 -5.12
N ASN B 120 -11.26 9.65 -4.84
CA ASN B 120 -10.00 9.19 -4.28
C ASN B 120 -9.13 8.60 -5.38
N PRO B 121 -8.02 9.25 -5.76
CA PRO B 121 -7.18 8.67 -6.82
C PRO B 121 -6.61 7.31 -6.47
N TRP B 122 -6.45 6.99 -5.19
CA TRP B 122 -5.90 5.71 -4.75
C TRP B 122 -6.97 4.63 -4.62
N ASN B 123 -8.19 4.93 -5.04
CA ASN B 123 -9.24 3.93 -5.19
C ASN B 123 -9.93 4.15 -6.56
N GLU B 124 -9.12 4.15 -7.62
CA GLU B 124 -9.60 4.18 -8.99
C GLU B 124 -10.45 5.42 -9.28
N HIS B 125 -10.20 6.51 -8.54
CA HIS B 125 -10.88 7.77 -8.78
C HIS B 125 -12.38 7.68 -8.50
N LYS B 126 -12.77 6.73 -7.63
CA LYS B 126 -14.15 6.54 -7.18
C LYS B 126 -14.48 7.57 -6.10
N PRO B 127 -15.76 7.95 -5.99
CA PRO B 127 -16.19 8.84 -4.89
C PRO B 127 -15.68 8.35 -3.55
N VAL B 128 -15.26 9.30 -2.71
CA VAL B 128 -14.53 8.98 -1.50
C VAL B 128 -15.38 8.20 -0.51
N LYS B 129 -16.70 8.29 -0.62
CA LYS B 129 -17.57 7.45 0.21
C LYS B 129 -17.42 5.97 -0.09
N ILE B 130 -16.88 5.59 -1.24
CA ILE B 130 -16.71 4.18 -1.60
C ILE B 130 -15.36 3.68 -1.13
N GLY B 131 -15.36 2.59 -0.37
CA GLY B 131 -14.13 1.97 0.05
C GLY B 131 -14.33 0.93 1.13
N ARG B 132 -13.39 0.00 1.26
CA ARG B 132 -13.40 -1.00 2.32
C ARG B 132 -12.80 -0.40 3.58
N ASP B 133 -13.05 -1.04 4.73
CA ASP B 133 -12.38 -0.67 5.96
C ASP B 133 -10.88 -0.62 5.72
N GLY B 134 -10.26 0.48 6.12
CA GLY B 134 -8.83 0.64 5.95
C GLY B 134 -8.37 1.23 4.63
N GLN B 135 -9.29 1.52 3.71
CA GLN B 135 -8.91 2.11 2.43
C GLN B 135 -8.14 3.40 2.63
N GLU B 136 -6.93 3.48 2.09
CA GLU B 136 -6.16 4.70 2.22
C GLU B 136 -6.65 5.77 1.25
N ILE B 137 -6.74 7.00 1.74
CA ILE B 137 -7.22 8.12 0.95
C ILE B 137 -6.06 9.06 0.66
N GLU B 138 -5.90 9.44 -0.60
CA GLU B 138 -4.80 10.31 -1.03
C GLU B 138 -4.92 11.67 -0.32
N LEU B 139 -3.75 12.30 -0.11
CA LEU B 139 -3.61 13.47 0.76
C LEU B 139 -4.61 14.58 0.41
N GLU B 140 -4.65 15.02 -0.85
CA GLU B 140 -5.52 16.15 -1.15
C GLU B 140 -6.99 15.80 -0.98
N CYS B 141 -7.39 14.63 -1.44
CA CYS B 141 -8.77 14.18 -1.23
C CYS B 141 -9.12 14.09 0.26
N GLY B 142 -8.22 13.50 1.06
CA GLY B 142 -8.50 13.35 2.49
C GLY B 142 -8.57 14.69 3.18
N THR B 143 -7.71 15.63 2.76
CA THR B 143 -7.74 16.97 3.34
C THR B 143 -9.04 17.67 3.02
N GLN B 144 -9.46 17.63 1.75
CA GLN B 144 -10.70 18.29 1.40
C GLN B 144 -11.89 17.63 2.09
N LEU B 145 -11.88 16.30 2.22
CA LEU B 145 -12.95 15.61 2.94
C LEU B 145 -13.03 16.10 4.39
N CYS B 146 -11.90 16.13 5.09
CA CYS B 146 -11.90 16.59 6.48
C CYS B 146 -12.40 18.03 6.60
N LEU B 147 -12.06 18.89 5.61
CA LEU B 147 -12.47 20.29 5.67
C LEU B 147 -13.97 20.45 5.45
N LEU B 148 -14.64 19.43 4.90
CA LEU B 148 -16.09 19.49 4.73
C LEU B 148 -16.86 19.38 6.03
N PHE B 149 -16.28 18.74 7.06
CA PHE B 149 -17.05 18.51 8.28
C PHE B 149 -17.37 19.84 8.97
N PRO B 150 -18.51 19.94 9.64
CA PRO B 150 -18.84 21.18 10.36
C PRO B 150 -17.96 21.34 11.58
N PRO B 151 -17.79 22.56 12.08
CA PRO B 151 -17.00 22.74 13.31
C PRO B 151 -17.67 22.03 14.49
N ASP B 152 -16.84 21.46 15.36
CA ASP B 152 -17.34 20.73 16.52
C ASP B 152 -16.95 21.50 17.78
N GLU B 153 -17.97 22.04 18.45
CA GLU B 153 -17.73 22.88 19.62
C GLU B 153 -17.35 22.07 20.85
N SER B 154 -17.48 20.75 20.81
CA SER B 154 -17.03 19.91 21.91
C SER B 154 -15.54 19.62 21.87
N ILE B 155 -14.85 19.98 20.79
CA ILE B 155 -13.47 19.58 20.55
C ILE B 155 -12.57 20.80 20.71
N ASP B 156 -11.44 20.61 21.38
CA ASP B 156 -10.37 21.60 21.46
C ASP B 156 -9.15 20.99 20.80
N LEU B 157 -8.68 21.61 19.72
CA LEU B 157 -7.50 21.10 18.99
C LEU B 157 -6.19 21.31 19.72
N TYR B 158 -6.19 22.04 20.83
CA TYR B 158 -4.96 22.42 21.51
C TYR B 158 -4.13 21.19 21.88
N GLN B 159 -4.77 20.17 22.46
CA GLN B 159 -4.05 18.98 22.88
C GLN B 159 -3.38 18.29 21.69
N VAL B 160 -4.08 18.17 20.57
CA VAL B 160 -3.51 17.54 19.38
C VAL B 160 -2.30 18.32 18.89
N ILE B 161 -2.44 19.64 18.78
CA ILE B 161 -1.36 20.46 18.22
C ILE B 161 -0.10 20.34 19.08
N HIS B 162 -0.26 20.20 20.39
CA HIS B 162 0.89 19.98 21.25
C HIS B 162 1.42 18.55 21.18
N LYS B 163 0.58 17.60 20.74
CA LYS B 163 1.04 16.23 20.56
C LYS B 163 1.90 16.07 19.32
N MET B 164 1.88 17.05 18.42
CA MET B 164 2.65 16.98 17.18
C MET B 164 4.00 17.68 17.38
C10 IUH C . 20.45 -14.33 -16.23
C13 IUH C . 24.07 -14.57 -17.93
C15 IUH C . 22.30 -15.35 -19.65
C17 IUH C . 20.48 -11.86 -15.81
C02 IUH C . 22.34 -13.92 -12.11
C04 IUH C . 22.01 -11.50 -12.49
C06 IUH C . 22.60 -9.86 -10.72
C07 IUH C . 21.39 -11.83 -13.85
C08 IUH C . 21.29 -13.11 -14.27
C11 IUH C . 21.54 -14.59 -17.27
C12 IUH C . 22.96 -14.32 -16.91
C16 IUH C . 21.19 -15.09 -18.63
N03 IUH C . 22.46 -12.56 -11.66
N05 IUH C . 22.12 -10.14 -12.07
N09 IUH C . 20.73 -13.13 -15.47
N14 IUH C . 23.70 -15.08 -19.28
N18 IUH C . 20.90 -11.05 -14.82
N19 IUH C . 21.76 -14.23 -13.40
CL01 IUH C . 22.90 -15.28 -11.11
S SO4 D . -5.05 -0.01 0.59
O1 SO4 D . -5.43 1.25 1.22
O2 SO4 D . -3.91 0.20 -0.29
O3 SO4 D . -6.15 -0.53 -0.21
O4 SO4 D . -4.67 -1.06 1.55
S SO4 E . 10.15 -8.23 -26.06
O1 SO4 E . 10.50 -6.92 -26.63
O2 SO4 E . 10.98 -9.27 -26.66
O3 SO4 E . 10.40 -8.21 -24.61
O4 SO4 E . 8.74 -8.50 -26.32
S SO4 F . 25.40 -21.35 -14.10
O1 SO4 F . 25.54 -21.23 -15.55
O2 SO4 F . 26.69 -21.14 -13.45
O3 SO4 F . 24.46 -20.34 -13.62
O4 SO4 F . 24.90 -22.68 -13.76
S SO4 G . 26.55 6.30 -14.43
O1 SO4 G . 25.49 7.33 -14.52
O2 SO4 G . 27.86 6.86 -14.81
O3 SO4 G . 26.67 5.81 -13.07
O4 SO4 G . 26.22 5.18 -15.30
C10 IUH H . -15.57 -3.68 10.07
C13 IUH H . -15.86 -7.61 10.41
C15 IUH H . -14.45 -7.06 8.31
C17 IUH H . -13.52 -3.04 11.36
C02 IUH H . -17.10 -3.02 14.26
C04 IUH H . -14.74 -2.49 14.78
C06 IUH H . -13.96 -1.81 17.05
C07 IUH H . -14.40 -2.77 13.32
C08 IUH H . -15.37 -3.13 12.46
C11 IUH H . -15.41 -5.15 9.79
C12 IUH H . -16.03 -6.14 10.71
C16 IUH H . -14.62 -5.57 8.60
N03 IUH H . -16.08 -2.65 15.21
N05 IUH H . -13.67 -2.13 15.67
N09 IUH H . -14.83 -3.31 11.27
N14 IUH H . -15.07 -8.05 9.23
N18 IUH H . -13.24 -2.71 12.64
N19 IUH H . -16.78 -3.28 12.87
CL01 IUH H . -18.79 -3.22 14.73
S SO4 I . -24.29 16.08 14.63
O1 SO4 I . -23.84 17.19 13.81
O2 SO4 I . -23.73 16.18 15.99
O3 SO4 I . -23.83 14.84 14.02
O4 SO4 I . -25.74 16.10 14.74
S SO4 J . -21.99 1.25 3.11
O1 SO4 J . -21.24 0.77 1.95
O2 SO4 J . -21.07 1.88 4.05
O3 SO4 J . -22.63 0.13 3.78
O4 SO4 J . -23.00 2.22 2.68
S SO4 K . 3.62 -3.84 13.58
O1 SO4 K . 3.95 -2.72 12.69
O2 SO4 K . 4.14 -3.59 14.91
O3 SO4 K . 4.23 -5.06 13.06
O4 SO4 K . 2.16 -3.99 13.64
S SO4 L . -15.35 -3.91 5.15
O1 SO4 L . -14.96 -2.70 4.47
O2 SO4 L . -14.24 -4.87 5.16
O3 SO4 L . -15.71 -3.57 6.53
O4 SO4 L . -16.49 -4.50 4.45
S SO4 M . 2.45 -3.93 22.04
O1 SO4 M . 2.68 -2.87 23.02
O2 SO4 M . 3.73 -4.58 21.72
O3 SO4 M . 1.90 -3.39 20.79
O4 SO4 M . 1.50 -4.89 22.60
#